data_2J1V
#
_entry.id   2J1V
#
_cell.length_a   43.827
_cell.length_b   60.465
_cell.length_c   99.498
_cell.angle_alpha   90.00
_cell.angle_beta   90.00
_cell.angle_gamma   90.00
#
_symmetry.space_group_name_H-M   'P 21 21 21'
#
loop_
_entity.id
_entity.type
_entity.pdbx_description
1 polymer 'FUCOLECTIN-RELATED PROTEIN'
2 branched alpha-L-fucopyranose-(1-2)-beta-D-galactopyranose-(1-4)-2-acetamido-2-deoxy-beta-D-glucopyranose
3 non-polymer 'CALCIUM ION'
4 water water
#
_entity_poly.entity_id   1
_entity_poly.type   'polypeptide(L)'
_entity_poly.pdbx_seq_one_letter_code
;GSHMASTPDKFNDGNLNIAYAKPTTQSSVDYNGDPNRAVDGNRNGNFNSGSVTHTRADNPSWWEVDLKKMDKVGLVKIYN
RTDAETQRLSNFDVILYDNNRNEVAKKHVNNLSGESVSLDFKEKGARYIKVKLLTSGVPLSLAEVEVFRES
;
_entity_poly.pdbx_strand_id   A,B
#
loop_
_chem_comp.id
_chem_comp.type
_chem_comp.name
_chem_comp.formula
CA non-polymer 'CALCIUM ION' 'Ca 2'
FUC L-saccharide, alpha linking alpha-L-fucopyranose 'C6 H12 O5'
GAL D-saccharide, beta linking beta-D-galactopyranose 'C6 H12 O6'
NAG D-saccharide, beta linking 2-acetamido-2-deoxy-beta-D-glucopyranose 'C8 H15 N O6'
#
# COMPACT_ATOMS: atom_id res chain seq x y z
N LYS A 10 16.26 -12.04 8.44
CA LYS A 10 16.33 -10.56 8.32
C LYS A 10 17.75 -9.96 8.32
N PHE A 11 18.78 -10.76 8.52
CA PHE A 11 20.15 -10.24 8.37
C PHE A 11 20.79 -10.72 7.06
N ASN A 12 21.32 -9.80 6.24
CA ASN A 12 21.96 -10.12 4.94
C ASN A 12 23.28 -9.41 4.74
N ASP A 13 24.31 -10.20 4.53
CA ASP A 13 25.70 -9.75 4.61
C ASP A 13 25.93 -9.09 5.94
N GLY A 14 25.18 -9.61 6.91
CA GLY A 14 25.30 -9.21 8.29
C GLY A 14 24.77 -7.83 8.58
N ASN A 15 23.87 -7.32 7.72
CA ASN A 15 23.22 -6.04 7.97
C ASN A 15 21.72 -6.28 8.09
N LEU A 16 21.03 -5.47 8.88
CA LEU A 16 19.59 -5.60 9.06
C LEU A 16 18.84 -5.22 7.81
N ASN A 17 18.15 -6.21 7.25
CA ASN A 17 17.29 -5.96 6.06
C ASN A 17 15.90 -5.60 6.57
N ILE A 18 15.59 -4.31 6.55
CA ILE A 18 14.35 -3.79 7.05
C ILE A 18 13.15 -4.08 6.14
N ALA A 19 13.40 -4.63 4.94
CA ALA A 19 12.32 -5.02 4.04
C ALA A 19 11.78 -6.42 4.34
N TYR A 20 12.61 -7.25 4.97
CA TYR A 20 12.27 -8.64 5.19
C TYR A 20 10.94 -8.75 5.92
N ALA A 21 10.02 -9.53 5.35
CA ALA A 21 8.71 -9.84 5.94
C ALA A 21 7.77 -8.66 6.08
N LYS A 22 8.11 -7.55 5.45
CA LYS A 22 7.22 -6.39 5.44
C LYS A 22 6.07 -6.59 4.46
N PRO A 23 4.97 -5.87 4.67
CA PRO A 23 3.87 -5.96 3.71
C PRO A 23 4.31 -5.51 2.31
N THR A 24 3.84 -6.25 1.31
CA THR A 24 4.13 -5.95 -0.09
C THR A 24 2.85 -5.95 -0.92
N THR A 25 2.89 -5.24 -2.03
CA THR A 25 1.86 -5.25 -3.05
C THR A 25 2.47 -5.19 -4.41
N GLN A 26 1.69 -5.51 -5.43
CA GLN A 26 2.17 -5.36 -6.80
C GLN A 26 1.00 -5.08 -7.75
N SER A 27 1.29 -4.83 -9.01
CA SER A 27 0.27 -4.36 -9.95
C SER A 27 -0.79 -5.41 -10.22
N SER A 28 -0.34 -6.67 -10.19
CA SER A 28 -1.18 -7.86 -10.38
C SER A 28 -0.33 -9.10 -10.08
N VAL A 29 -0.92 -10.28 -10.11
CA VAL A 29 -0.19 -11.52 -9.88
C VAL A 29 -0.46 -12.45 -11.07
N ASP A 30 0.58 -13.10 -11.55
CA ASP A 30 0.47 -14.22 -12.48
C ASP A 30 1.38 -15.35 -12.00
N TYR A 31 1.06 -16.55 -12.44
CA TYR A 31 1.82 -17.75 -12.06
C TYR A 31 2.05 -17.89 -10.56
N ASN A 32 1.10 -17.40 -9.76
CA ASN A 32 1.18 -17.42 -8.30
C ASN A 32 2.40 -16.70 -7.74
N GLY A 33 2.98 -15.78 -8.54
CA GLY A 33 4.16 -15.05 -8.12
C GLY A 33 3.87 -13.87 -7.20
N ASP A 34 3.39 -14.18 -6.01
CA ASP A 34 2.90 -13.18 -5.06
C ASP A 34 4.00 -12.25 -4.62
N PRO A 35 3.69 -10.99 -4.31
CA PRO A 35 4.72 -10.01 -4.02
C PRO A 35 5.55 -10.29 -2.78
N ASN A 36 5.01 -11.07 -1.84
CA ASN A 36 5.80 -11.43 -0.64
C ASN A 36 7.00 -12.29 -0.95
N ARG A 37 7.08 -12.85 -2.16
CA ARG A 37 8.22 -13.68 -2.49
C ARG A 37 9.51 -12.85 -2.61
N ALA A 38 9.41 -11.52 -2.76
CA ALA A 38 10.60 -10.68 -2.86
C ALA A 38 11.10 -10.22 -1.49
N VAL A 39 10.40 -10.61 -0.42
CA VAL A 39 10.85 -10.28 0.95
C VAL A 39 10.88 -11.52 1.87
N ASP A 40 11.06 -12.67 1.25
CA ASP A 40 11.00 -13.94 1.99
C ASP A 40 12.38 -14.41 2.46
N GLY A 41 13.40 -13.59 2.27
CA GLY A 41 14.76 -13.90 2.72
C GLY A 41 15.51 -14.87 1.83
N ASN A 42 14.94 -15.17 0.68
CA ASN A 42 15.46 -16.16 -0.27
C ASN A 42 15.85 -15.47 -1.57
N ARG A 43 17.14 -15.40 -1.89
CA ARG A 43 17.59 -14.72 -3.10
C ARG A 43 17.53 -15.57 -4.38
N ASN A 44 17.14 -16.85 -4.25
CA ASN A 44 17.06 -17.77 -5.39
C ASN A 44 16.21 -17.15 -6.48
N GLY A 45 16.82 -16.93 -7.65
CA GLY A 45 16.12 -16.34 -8.77
C GLY A 45 15.51 -17.27 -9.79
N ASN A 46 15.50 -18.57 -9.49
CA ASN A 46 14.83 -19.54 -10.37
CA ASN A 46 14.81 -19.52 -10.37
C ASN A 46 13.33 -19.46 -10.07
N PHE A 47 12.55 -18.95 -11.02
CA PHE A 47 11.14 -18.81 -10.79
C PHE A 47 10.46 -20.08 -10.31
N ASN A 48 10.85 -21.21 -10.86
CA ASN A 48 10.19 -22.46 -10.53
C ASN A 48 10.47 -22.95 -9.11
N SER A 49 11.42 -22.32 -8.40
CA SER A 49 11.76 -22.64 -7.01
C SER A 49 10.86 -21.95 -6.00
N GLY A 50 10.04 -20.98 -6.41
CA GLY A 50 9.06 -20.41 -5.53
C GLY A 50 9.40 -19.09 -4.86
N SER A 51 10.60 -18.57 -5.10
CA SER A 51 11.06 -17.36 -4.40
C SER A 51 11.04 -16.06 -5.21
N VAL A 52 10.37 -16.07 -6.35
CA VAL A 52 10.40 -14.98 -7.32
C VAL A 52 8.97 -14.51 -7.59
N THR A 53 8.81 -13.18 -7.58
CA THR A 53 7.50 -12.57 -7.87
C THR A 53 7.19 -12.62 -9.35
N HIS A 54 5.93 -12.31 -9.70
CA HIS A 54 5.52 -12.28 -11.12
C HIS A 54 4.19 -11.57 -11.24
N THR A 55 4.17 -10.47 -12.01
CA THR A 55 2.93 -9.77 -12.30
C THR A 55 2.41 -10.24 -13.66
N ARG A 56 1.19 -9.86 -13.98
CA ARG A 56 0.76 -9.87 -15.39
C ARG A 56 1.46 -8.77 -16.19
N ALA A 57 1.18 -8.71 -17.48
CA ALA A 57 1.80 -7.71 -18.33
C ALA A 57 0.99 -6.41 -18.25
N ASP A 58 1.28 -5.64 -17.21
CA ASP A 58 0.52 -4.45 -16.83
C ASP A 58 0.98 -3.18 -17.53
N ASN A 59 0.31 -2.08 -17.21
CA ASN A 59 0.56 -0.79 -17.87
C ASN A 59 0.86 0.36 -16.90
N PRO A 60 2.04 0.36 -16.30
CA PRO A 60 3.05 -0.67 -16.38
C PRO A 60 3.04 -1.57 -15.14
N SER A 61 3.86 -2.61 -15.19
CA SER A 61 4.06 -3.44 -14.01
C SER A 61 4.89 -2.78 -12.91
N TRP A 62 4.49 -3.05 -11.67
CA TRP A 62 5.18 -2.50 -10.50
C TRP A 62 5.05 -3.44 -9.31
N TRP A 63 5.91 -3.21 -8.32
CA TRP A 63 5.97 -3.94 -7.05
C TRP A 63 6.36 -2.94 -5.98
N GLU A 64 5.90 -3.10 -4.76
CA GLU A 64 6.24 -2.18 -3.70
C GLU A 64 6.28 -2.85 -2.35
N VAL A 65 7.21 -2.39 -1.54
CA VAL A 65 7.25 -2.76 -0.13
C VAL A 65 6.90 -1.54 0.73
N ASP A 66 6.14 -1.82 1.79
CA ASP A 66 5.70 -0.86 2.81
C ASP A 66 6.40 -1.15 4.13
N LEU A 67 7.26 -0.24 4.53
CA LEU A 67 8.05 -0.41 5.73
C LEU A 67 7.23 -0.18 7.01
N LYS A 68 5.99 0.25 6.84
CA LYS A 68 4.96 0.44 7.88
C LYS A 68 5.06 1.79 8.57
N LYS A 69 6.24 2.38 8.53
CA LYS A 69 6.54 3.68 9.11
C LYS A 69 7.67 4.29 8.31
N MET A 70 7.85 5.59 8.45
CA MET A 70 9.04 6.24 7.92
C MET A 70 10.30 5.66 8.51
N ASP A 71 11.25 5.45 7.63
CA ASP A 71 12.55 4.95 7.99
C ASP A 71 13.56 5.71 7.12
N LYS A 72 14.82 5.36 7.27
CA LYS A 72 15.89 6.03 6.59
C LYS A 72 16.54 4.98 5.71
N VAL A 73 16.58 5.23 4.41
CA VAL A 73 16.95 4.22 3.44
C VAL A 73 18.38 4.50 2.99
N GLY A 74 19.24 3.50 3.16
CA GLY A 74 20.58 3.51 2.59
C GLY A 74 20.61 2.66 1.33
N LEU A 75 21.26 1.51 1.43
CA LEU A 75 21.39 0.60 0.31
C LEU A 75 20.07 -0.13 0.04
N VAL A 76 19.67 -0.15 -1.22
CA VAL A 76 18.61 -1.02 -1.73
C VAL A 76 19.23 -2.00 -2.75
N LYS A 77 19.14 -3.31 -2.48
CA LYS A 77 19.69 -4.32 -3.37
C LYS A 77 18.58 -5.13 -4.00
N ILE A 78 18.53 -5.14 -5.33
CA ILE A 78 17.48 -5.78 -6.07
C ILE A 78 18.05 -6.97 -6.84
N TYR A 79 17.47 -8.13 -6.57
CA TYR A 79 17.95 -9.42 -7.12
C TYR A 79 16.97 -9.86 -8.20
N ASN A 80 17.46 -10.01 -9.44
CA ASN A 80 16.66 -10.37 -10.57
C ASN A 80 16.28 -11.84 -10.59
N ARG A 81 15.23 -12.14 -11.31
CA ARG A 81 15.04 -13.48 -11.85
C ARG A 81 16.30 -13.91 -12.60
N THR A 82 16.65 -15.20 -12.51
CA THR A 82 17.85 -15.73 -13.17
C THR A 82 17.63 -16.88 -14.13
N ASP A 83 16.51 -17.60 -14.05
CA ASP A 83 16.39 -18.76 -14.94
C ASP A 83 16.05 -18.46 -16.36
N ALA A 84 15.30 -17.36 -16.57
CA ALA A 84 14.80 -17.00 -17.88
C ALA A 84 14.33 -15.54 -17.86
N GLU A 85 14.21 -14.95 -19.05
CA GLU A 85 13.56 -13.64 -19.24
C GLU A 85 14.22 -12.56 -18.36
N THR A 86 15.53 -12.66 -18.16
CA THR A 86 16.23 -11.75 -17.26
C THR A 86 16.16 -10.30 -17.72
N GLN A 87 16.01 -10.12 -19.04
CA GLN A 87 15.97 -8.79 -19.65
C GLN A 87 14.72 -7.99 -19.29
N ARG A 88 13.71 -8.67 -18.73
CA ARG A 88 12.52 -7.96 -18.32
C ARG A 88 12.84 -6.89 -17.28
N LEU A 89 13.80 -7.15 -16.43
CA LEU A 89 14.20 -6.16 -15.44
C LEU A 89 15.20 -5.20 -16.04
N SER A 90 14.63 -4.26 -16.75
CA SER A 90 15.36 -3.21 -17.50
C SER A 90 14.47 -1.99 -17.60
N ASN A 91 15.06 -0.84 -17.90
CA ASN A 91 14.32 0.40 -18.07
C ASN A 91 13.29 0.60 -16.96
N PHE A 92 13.79 0.70 -15.73
CA PHE A 92 12.91 0.78 -14.59
C PHE A 92 13.34 1.84 -13.59
N ASP A 93 12.35 2.32 -12.85
CA ASP A 93 12.58 3.24 -11.74
C ASP A 93 12.47 2.55 -10.37
N VAL A 94 13.26 3.01 -9.42
CA VAL A 94 13.18 2.64 -8.00
C VAL A 94 12.86 3.91 -7.26
N ILE A 95 11.66 3.98 -6.67
CA ILE A 95 11.09 5.25 -6.16
C ILE A 95 10.78 5.11 -4.68
N LEU A 96 11.18 6.12 -3.91
CA LEU A 96 10.88 6.19 -2.50
C LEU A 96 9.77 7.19 -2.28
N TYR A 97 8.81 6.81 -1.47
CA TYR A 97 7.68 7.67 -1.11
C TYR A 97 7.58 7.81 0.42
N ASP A 98 7.12 8.99 0.85
CA ASP A 98 6.95 9.26 2.27
C ASP A 98 5.59 8.78 2.78
N ASN A 99 5.25 9.15 4.03
CA ASN A 99 4.03 8.58 4.66
C ASN A 99 2.75 9.01 3.98
N ASN A 100 2.81 10.02 3.10
CA ASN A 100 1.68 10.58 2.36
C ASN A 100 1.78 10.32 0.89
N ARG A 101 2.69 9.41 0.54
CA ARG A 101 2.95 9.01 -0.85
C ARG A 101 3.44 10.15 -1.76
N ASN A 102 4.14 11.12 -1.16
CA ASN A 102 4.96 12.06 -1.95
C ASN A 102 6.24 11.37 -2.35
N GLU A 103 6.64 11.61 -3.59
CA GLU A 103 7.91 11.10 -4.11
C GLU A 103 9.05 11.86 -3.48
N VAL A 104 9.94 11.15 -2.78
CA VAL A 104 11.08 11.77 -2.14
C VAL A 104 12.41 11.53 -2.86
N ALA A 105 12.50 10.46 -3.63
CA ALA A 105 13.75 10.16 -4.37
C ALA A 105 13.43 9.13 -5.42
N LYS A 106 14.23 9.11 -6.48
CA LYS A 106 14.05 8.14 -7.57
C LYS A 106 15.40 7.87 -8.20
N LYS A 107 15.66 6.62 -8.50
CA LYS A 107 16.79 6.26 -9.35
C LYS A 107 16.30 5.47 -10.52
N HIS A 108 16.87 5.69 -11.71
CA HIS A 108 16.53 4.93 -12.88
C HIS A 108 17.67 3.94 -13.15
N VAL A 109 17.29 2.71 -13.46
CA VAL A 109 18.21 1.63 -13.79
C VAL A 109 17.90 1.19 -15.23
N ASN A 110 18.90 1.27 -16.10
CA ASN A 110 18.64 0.92 -17.47
C ASN A 110 18.64 -0.59 -17.73
N ASN A 111 19.57 -1.27 -17.07
CA ASN A 111 19.69 -2.73 -17.09
C ASN A 111 20.71 -3.16 -16.06
N LEU A 112 20.81 -4.48 -15.87
CA LEU A 112 21.70 -5.09 -14.91
C LEU A 112 22.84 -5.71 -15.67
N SER A 113 24.04 -5.58 -15.13
CA SER A 113 25.15 -6.30 -15.75
C SER A 113 25.28 -7.71 -15.17
N GLY A 114 24.90 -7.90 -13.91
CA GLY A 114 24.88 -9.21 -13.27
C GLY A 114 23.48 -9.57 -12.75
N GLU A 115 23.41 -10.37 -11.72
CA GLU A 115 22.16 -10.90 -11.15
C GLU A 115 21.48 -9.92 -10.20
N SER A 116 22.14 -8.81 -9.88
CA SER A 116 21.55 -7.81 -8.98
C SER A 116 22.03 -6.41 -9.31
N VAL A 117 21.36 -5.42 -8.74
CA VAL A 117 21.80 -4.04 -8.72
C VAL A 117 21.68 -3.48 -7.30
N SER A 118 22.63 -2.63 -6.93
CA SER A 118 22.72 -2.00 -5.65
C SER A 118 22.61 -0.49 -5.84
N LEU A 119 21.70 0.13 -5.11
CA LEU A 119 21.44 1.54 -5.20
C LEU A 119 21.59 2.15 -3.82
N ASP A 120 22.11 3.36 -3.73
CA ASP A 120 22.35 3.98 -2.45
C ASP A 120 21.54 5.27 -2.36
N PHE A 121 20.52 5.25 -1.51
CA PHE A 121 19.65 6.40 -1.32
C PHE A 121 20.11 7.32 -0.19
N LYS A 122 21.27 7.04 0.41
CA LYS A 122 21.96 8.05 1.25
C LYS A 122 21.10 8.58 2.42
N GLU A 123 20.36 7.69 3.04
CA GLU A 123 19.57 7.95 4.27
C GLU A 123 18.24 8.69 4.07
N LYS A 124 17.75 8.73 2.84
CA LYS A 124 16.49 9.39 2.54
C LYS A 124 15.38 8.81 3.38
N GLY A 125 14.52 9.71 3.86
CA GLY A 125 13.40 9.31 4.70
C GLY A 125 12.25 8.85 3.84
N ALA A 126 11.79 7.62 4.06
CA ALA A 126 10.72 7.05 3.24
C ALA A 126 10.02 5.89 3.95
N ARG A 127 8.77 5.66 3.55
CA ARG A 127 7.98 4.53 4.03
C ARG A 127 7.85 3.46 2.97
N TYR A 128 7.78 3.85 1.70
CA TYR A 128 7.54 2.87 0.62
C TYR A 128 8.67 2.89 -0.40
N ILE A 129 9.01 1.71 -0.92
CA ILE A 129 10.00 1.56 -2.01
C ILE A 129 9.32 0.77 -3.11
N LYS A 130 9.12 1.43 -4.23
CA LYS A 130 8.43 0.92 -5.43
C LYS A 130 9.45 0.66 -6.54
N VAL A 131 9.33 -0.50 -7.16
CA VAL A 131 10.07 -0.85 -8.37
C VAL A 131 9.05 -0.86 -9.52
N LYS A 132 9.26 0.02 -10.51
CA LYS A 132 8.28 0.24 -11.54
C LYS A 132 8.97 0.11 -12.88
N LEU A 133 8.56 -0.87 -13.66
CA LEU A 133 8.98 -0.95 -15.07
C LEU A 133 8.42 0.24 -15.85
N LEU A 134 9.21 0.80 -16.77
CA LEU A 134 8.72 1.88 -17.62
C LEU A 134 8.28 1.43 -19.01
N THR A 135 8.61 0.21 -19.37
CA THR A 135 8.05 -0.42 -20.54
C THR A 135 6.79 -1.14 -20.16
N SER A 136 5.65 -0.63 -20.62
CA SER A 136 4.34 -1.28 -20.42
C SER A 136 4.30 -2.62 -21.15
N GLY A 137 3.42 -3.52 -20.69
CA GLY A 137 3.20 -4.79 -21.32
C GLY A 137 4.25 -5.84 -21.04
N VAL A 138 5.05 -5.64 -19.98
CA VAL A 138 6.13 -6.56 -19.60
C VAL A 138 5.92 -7.00 -18.14
N PRO A 139 5.86 -8.30 -17.87
CA PRO A 139 5.77 -8.74 -16.46
C PRO A 139 6.99 -8.33 -15.64
N LEU A 140 6.73 -7.98 -14.37
CA LEU A 140 7.78 -7.71 -13.40
C LEU A 140 7.98 -8.89 -12.47
N SER A 141 9.22 -9.37 -12.48
CA SER A 141 9.63 -10.45 -11.58
C SER A 141 10.89 -10.10 -10.80
N LEU A 142 10.84 -10.26 -9.48
CA LEU A 142 11.94 -9.91 -8.60
C LEU A 142 12.19 -11.13 -7.71
N ALA A 143 13.45 -11.56 -7.63
CA ALA A 143 13.82 -12.65 -6.72
C ALA A 143 13.82 -12.17 -5.27
N GLU A 144 14.31 -10.95 -5.03
CA GLU A 144 14.38 -10.42 -3.70
C GLU A 144 14.70 -8.93 -3.78
N VAL A 145 14.16 -8.16 -2.84
CA VAL A 145 14.52 -6.76 -2.64
C VAL A 145 14.89 -6.58 -1.17
N GLU A 146 16.14 -6.25 -0.93
CA GLU A 146 16.67 -6.05 0.40
C GLU A 146 16.90 -4.55 0.59
N VAL A 147 16.54 -4.05 1.77
CA VAL A 147 16.64 -2.63 2.05
C VAL A 147 17.36 -2.47 3.38
N PHE A 148 18.37 -1.60 3.42
CA PHE A 148 19.17 -1.40 4.64
C PHE A 148 19.18 0.04 5.08
N ARG A 149 19.44 0.28 6.35
CA ARG A 149 19.53 1.66 6.86
C ARG A 149 20.83 2.39 6.58
N GLU A 150 21.83 1.70 6.08
CA GLU A 150 22.96 2.49 5.53
C GLU A 150 23.56 1.90 4.23
N SER A 151 24.50 2.60 3.64
N ASN B 15 -25.93 -4.68 -0.79
CA ASN B 15 -25.42 -5.81 -1.67
C ASN B 15 -24.10 -6.41 -1.15
N LEU B 16 -23.18 -6.77 -2.04
CA LEU B 16 -21.94 -7.41 -1.58
C LEU B 16 -20.96 -6.33 -1.16
N ASN B 17 -20.58 -6.36 0.11
CA ASN B 17 -19.53 -5.46 0.60
C ASN B 17 -18.15 -6.02 0.18
N ILE B 18 -17.57 -5.39 -0.83
CA ILE B 18 -16.33 -5.87 -1.45
C ILE B 18 -15.11 -5.39 -0.68
N ALA B 19 -15.30 -4.49 0.28
CA ALA B 19 -14.23 -4.11 1.19
C ALA B 19 -13.93 -5.10 2.30
N TYR B 20 -14.93 -5.91 2.66
CA TYR B 20 -14.80 -6.81 3.81
C TYR B 20 -13.57 -7.70 3.61
N ALA B 21 -12.73 -7.75 4.65
CA ALA B 21 -11.56 -8.63 4.72
C ALA B 21 -10.47 -8.33 3.67
N LYS B 22 -10.54 -7.16 3.02
CA LYS B 22 -9.51 -6.76 2.05
C LYS B 22 -8.30 -6.18 2.80
N PRO B 23 -7.12 -6.17 2.15
CA PRO B 23 -5.96 -5.53 2.76
C PRO B 23 -6.20 -4.04 3.04
N THR B 24 -5.75 -3.56 4.17
CA THR B 24 -5.86 -2.16 4.59
C THR B 24 -4.54 -1.68 5.11
N THR B 25 -4.33 -0.35 5.01
CA THR B 25 -3.23 0.32 5.67
C THR B 25 -3.73 1.64 6.25
N GLN B 26 -2.93 2.23 7.10
CA GLN B 26 -3.22 3.54 7.61
C GLN B 26 -1.91 4.27 7.93
N SER B 27 -2.06 5.53 8.29
CA SER B 27 -0.90 6.39 8.50
C SER B 27 0.00 5.96 9.63
N SER B 28 -0.59 5.40 10.68
CA SER B 28 0.11 4.80 11.83
C SER B 28 -0.91 4.09 12.68
N VAL B 29 -0.46 3.44 13.76
CA VAL B 29 -1.39 2.82 14.70
CA VAL B 29 -1.36 2.79 14.72
C VAL B 29 -1.10 3.30 16.12
N ASP B 30 -2.18 3.48 16.87
CA ASP B 30 -2.14 3.75 18.30
C ASP B 30 -3.24 2.95 18.95
N TYR B 31 -3.03 2.58 20.22
CA TYR B 31 -3.99 1.83 21.01
C TYR B 31 -4.37 0.52 20.36
N ASN B 32 -3.44 -0.05 19.59
CA ASN B 32 -3.70 -1.30 18.87
C ASN B 32 -4.86 -1.24 17.88
N GLY B 33 -5.24 -0.03 17.44
CA GLY B 33 -6.36 0.12 16.52
C GLY B 33 -5.97 -0.13 15.06
N ASP B 34 -5.62 -1.37 14.75
CA ASP B 34 -5.11 -1.74 13.43
C ASP B 34 -6.14 -1.45 12.34
N PRO B 35 -5.67 -1.14 11.11
CA PRO B 35 -6.57 -0.74 10.04
C PRO B 35 -7.58 -1.80 9.63
N ASN B 36 -7.27 -3.07 9.84
CA ASN B 36 -8.19 -4.14 9.49
C ASN B 36 -9.49 -4.08 10.27
N ARG B 37 -9.52 -3.31 11.34
CA ARG B 37 -10.74 -3.22 12.12
C ARG B 37 -11.89 -2.53 11.35
N ALA B 38 -11.59 -1.75 10.31
CA ALA B 38 -12.62 -1.10 9.52
C ALA B 38 -13.15 -1.98 8.39
N VAL B 39 -12.62 -3.20 8.26
CA VAL B 39 -13.13 -4.16 7.29
C VAL B 39 -13.40 -5.52 7.92
N ASP B 40 -13.73 -5.53 9.21
CA ASP B 40 -13.99 -6.77 9.94
C ASP B 40 -15.46 -7.17 9.94
N GLY B 41 -16.31 -6.45 9.26
CA GLY B 41 -17.69 -6.83 9.18
C GLY B 41 -18.54 -6.33 10.33
N ASN B 42 -17.92 -5.66 11.30
CA ASN B 42 -18.56 -5.18 12.54
C ASN B 42 -18.61 -3.67 12.54
N ARG B 43 -19.84 -3.13 12.51
CA ARG B 43 -20.10 -1.70 12.51
C ARG B 43 -20.06 -1.04 13.90
N ASN B 44 -19.85 -1.83 14.96
CA ASN B 44 -19.75 -1.28 16.33
C ASN B 44 -18.75 -0.12 16.38
N GLY B 45 -19.18 1.04 16.88
CA GLY B 45 -18.37 2.25 16.97
C GLY B 45 -17.70 2.45 18.32
N ASN B 46 -17.93 1.53 19.25
CA ASN B 46 -17.33 1.62 20.56
C ASN B 46 -15.91 1.10 20.48
N PHE B 47 -14.96 1.98 20.71
CA PHE B 47 -13.57 1.56 20.64
C PHE B 47 -13.22 0.31 21.44
N ASN B 48 -13.82 0.10 22.64
CA ASN B 48 -13.50 -1.07 23.50
C ASN B 48 -13.99 -2.44 22.97
N SER B 49 -14.84 -2.42 21.94
CA SER B 49 -15.24 -3.64 21.25
C SER B 49 -14.15 -4.21 20.36
N GLY B 50 -13.19 -3.35 19.98
CA GLY B 50 -12.08 -3.79 19.18
C GLY B 50 -12.40 -3.69 17.70
N SER B 51 -13.50 -3.02 17.36
CA SER B 51 -13.91 -2.97 15.96
C SER B 51 -13.55 -1.65 15.29
N VAL B 52 -12.88 -0.74 15.98
CA VAL B 52 -12.60 0.61 15.48
C VAL B 52 -11.09 0.82 15.36
N THR B 53 -10.69 1.43 14.23
CA THR B 53 -9.27 1.72 14.01
C THR B 53 -8.84 2.95 14.80
N HIS B 54 -7.53 3.18 14.84
CA HIS B 54 -7.00 4.35 15.51
C HIS B 54 -5.56 4.57 15.05
N THR B 55 -5.28 5.78 14.56
CA THR B 55 -3.92 6.21 14.27
C THR B 55 -3.36 7.10 15.35
N ARG B 56 -2.09 7.43 15.21
CA ARG B 56 -1.50 8.55 15.94
C ARG B 56 -2.02 9.86 15.36
N ALA B 57 -1.66 10.98 16.01
CA ALA B 57 -2.00 12.32 15.56
C ALA B 57 -1.09 12.75 14.40
N ASP B 58 -1.37 12.21 13.22
CA ASP B 58 -0.49 12.33 12.06
C ASP B 58 -0.71 13.62 11.26
N ASN B 59 0.08 13.76 10.19
CA ASN B 59 0.11 15.02 9.42
CA ASN B 59 0.22 14.99 9.41
C ASN B 59 -0.01 14.75 7.92
N PRO B 60 -1.22 14.40 7.49
CA PRO B 60 -2.40 14.13 8.29
C PRO B 60 -2.63 12.61 8.47
N SER B 61 -3.61 12.28 9.27
CA SER B 61 -4.05 10.90 9.43
C SER B 61 -4.89 10.43 8.25
N TRP B 62 -4.69 9.19 7.87
CA TRP B 62 -5.40 8.60 6.74
C TRP B 62 -5.51 7.11 6.94
N TRP B 63 -6.42 6.51 6.18
CA TRP B 63 -6.68 5.08 6.16
C TRP B 63 -7.01 4.70 4.72
N GLU B 64 -6.68 3.47 4.29
CA GLU B 64 -6.93 3.05 2.93
C GLU B 64 -7.23 1.57 2.84
N VAL B 65 -8.17 1.23 1.97
CA VAL B 65 -8.43 -0.17 1.56
C VAL B 65 -8.00 -0.40 0.12
N ASP B 66 -7.45 -1.57 -0.09
CA ASP B 66 -6.95 -2.03 -1.40
C ASP B 66 -7.85 -3.18 -1.86
N LEU B 67 -8.55 -2.96 -2.96
CA LEU B 67 -9.47 -3.97 -3.48
C LEU B 67 -8.75 -5.05 -4.30
N LYS B 68 -7.45 -4.85 -4.48
CA LYS B 68 -6.48 -5.80 -5.05
C LYS B 68 -6.40 -5.74 -6.57
N LYS B 69 -7.44 -5.16 -7.16
CA LYS B 69 -7.54 -5.00 -8.60
C LYS B 69 -8.49 -3.85 -8.89
N MET B 70 -8.43 -3.33 -10.11
CA MET B 70 -9.43 -2.37 -10.53
C MET B 70 -10.80 -2.99 -10.44
N ASP B 71 -11.70 -2.25 -9.82
CA ASP B 71 -13.05 -2.72 -9.56
C ASP B 71 -13.94 -1.49 -9.83
N LYS B 72 -15.23 -1.59 -9.54
CA LYS B 72 -16.17 -0.50 -9.79
C LYS B 72 -16.76 -0.11 -8.47
N VAL B 73 -16.75 1.18 -8.16
CA VAL B 73 -17.13 1.67 -6.82
C VAL B 73 -18.44 2.47 -6.90
N GLY B 74 -19.48 1.92 -6.29
CA GLY B 74 -20.76 2.59 -6.13
C GLY B 74 -20.85 3.25 -4.77
N LEU B 75 -21.75 2.77 -3.94
CA LEU B 75 -21.90 3.25 -2.57
C LEU B 75 -20.71 2.91 -1.68
N VAL B 76 -20.22 3.90 -0.95
CA VAL B 76 -19.21 3.76 0.09
C VAL B 76 -19.81 4.28 1.37
N LYS B 77 -19.86 3.46 2.40
CA LYS B 77 -20.44 3.81 3.67
C LYS B 77 -19.34 3.86 4.71
N ILE B 78 -19.19 5.02 5.36
CA ILE B 78 -18.15 5.25 6.36
C ILE B 78 -18.79 5.43 7.72
N TYR B 79 -18.44 4.58 8.66
CA TYR B 79 -19.03 4.53 10.00
C TYR B 79 -18.03 5.07 11.00
N ASN B 80 -18.49 6.02 11.81
CA ASN B 80 -17.67 6.71 12.78
C ASN B 80 -17.52 5.92 14.07
N ARG B 81 -16.47 6.24 14.80
CA ARG B 81 -16.39 5.98 16.23
C ARG B 81 -17.60 6.65 16.89
N THR B 82 -18.18 5.99 17.90
CA THR B 82 -19.41 6.49 18.58
C THR B 82 -19.26 6.82 20.05
N ASP B 83 -18.29 6.22 20.75
CA ASP B 83 -18.20 6.36 22.23
C ASP B 83 -17.53 7.62 22.73
N ALA B 84 -16.72 8.24 21.89
CA ALA B 84 -15.95 9.39 22.29
C ALA B 84 -15.21 9.98 21.06
N GLU B 85 -14.81 11.24 21.19
CA GLU B 85 -14.04 11.95 20.16
C GLU B 85 -14.66 11.85 18.76
N THR B 86 -15.98 11.95 18.65
CA THR B 86 -16.66 11.72 17.38
C THR B 86 -16.44 12.84 16.37
N GLN B 87 -16.08 14.03 16.86
CA GLN B 87 -15.76 15.17 15.98
C GLN B 87 -14.48 14.98 15.14
N ARG B 88 -13.65 14.00 15.50
CA ARG B 88 -12.39 13.75 14.76
C ARG B 88 -12.66 13.41 13.30
N LEU B 89 -13.70 12.64 13.04
CA LEU B 89 -14.11 12.34 11.66
C LEU B 89 -14.91 13.49 11.08
N SER B 90 -14.18 14.48 10.61
CA SER B 90 -14.73 15.70 10.02
C SER B 90 -13.66 16.31 9.11
N ASN B 91 -14.08 17.17 8.19
CA ASN B 91 -13.21 17.85 7.25
C ASN B 91 -12.26 16.88 6.60
N PHE B 92 -12.87 15.95 5.86
CA PHE B 92 -12.07 14.85 5.27
C PHE B 92 -12.43 14.59 3.83
N ASP B 93 -11.48 14.02 3.07
CA ASP B 93 -11.68 13.59 1.71
C ASP B 93 -11.77 12.05 1.66
N VAL B 94 -12.58 11.57 0.73
CA VAL B 94 -12.61 10.16 0.38
C VAL B 94 -12.20 10.15 -1.08
N ILE B 95 -11.12 9.43 -1.38
CA ILE B 95 -10.42 9.54 -2.63
C ILE B 95 -10.28 8.14 -3.23
N LEU B 96 -10.57 8.03 -4.51
CA LEU B 96 -10.40 6.82 -5.30
C LEU B 96 -9.17 6.92 -6.16
N TYR B 97 -8.37 5.85 -6.20
CA TYR B 97 -7.16 5.73 -6.99
C TYR B 97 -7.19 4.49 -7.86
N ASP B 98 -6.63 4.63 -9.06
CA ASP B 98 -6.49 3.51 -9.99
C ASP B 98 -5.22 2.67 -9.71
N ASN B 99 -4.91 1.75 -10.60
CA ASN B 99 -3.85 0.79 -10.36
C ASN B 99 -2.47 1.42 -10.31
N ASN B 100 -2.34 2.63 -10.85
CA ASN B 100 -1.12 3.38 -10.77
C ASN B 100 -1.18 4.55 -9.82
N ARG B 101 -2.21 4.55 -8.95
CA ARG B 101 -2.39 5.61 -7.96
C ARG B 101 -2.59 6.99 -8.56
N ASN B 102 -3.17 7.02 -9.76
CA ASN B 102 -3.76 8.26 -10.25
C ASN B 102 -5.07 8.47 -9.51
N GLU B 103 -5.33 9.70 -9.06
CA GLU B 103 -6.63 10.04 -8.44
C GLU B 103 -7.69 10.02 -9.54
N VAL B 104 -8.76 9.26 -9.33
CA VAL B 104 -9.83 9.20 -10.31
C VAL B 104 -11.13 9.79 -9.83
N ALA B 105 -11.29 9.95 -8.53
CA ALA B 105 -12.46 10.63 -7.95
C ALA B 105 -12.14 11.09 -6.54
N LYS B 106 -12.86 12.10 -6.06
CA LYS B 106 -12.70 12.61 -4.71
C LYS B 106 -14.01 13.26 -4.32
N LYS B 107 -14.42 12.99 -3.08
CA LYS B 107 -15.54 13.71 -2.44
C LYS B 107 -15.12 14.21 -1.05
N HIS B 108 -15.57 15.40 -0.69
CA HIS B 108 -15.24 15.97 0.60
C HIS B 108 -16.46 15.93 1.51
N VAL B 109 -16.23 15.64 2.78
CA VAL B 109 -17.26 15.66 3.81
C VAL B 109 -16.84 16.68 4.86
N ASN B 110 -17.74 17.62 5.18
CA ASN B 110 -17.44 18.58 6.23
C ASN B 110 -17.70 17.93 7.57
N ASN B 111 -18.95 17.53 7.81
CA ASN B 111 -19.25 16.79 9.03
C ASN B 111 -20.32 15.76 8.83
N LEU B 112 -20.36 14.81 9.74
CA LEU B 112 -21.39 13.79 9.74
C LEU B 112 -22.60 14.31 10.50
N SER B 113 -23.79 14.02 9.96
CA SER B 113 -25.05 14.27 10.66
C SER B 113 -25.38 13.24 11.74
N GLY B 114 -25.16 11.97 11.43
CA GLY B 114 -25.38 10.87 12.34
C GLY B 114 -24.10 10.04 12.55
N GLU B 115 -24.23 8.72 12.57
CA GLU B 115 -23.12 7.84 12.94
C GLU B 115 -22.32 7.35 11.74
N SER B 116 -22.79 7.67 10.54
CA SER B 116 -22.15 7.32 9.27
C SER B 116 -22.54 8.28 8.15
N VAL B 117 -21.76 8.24 7.09
CA VAL B 117 -22.08 8.93 5.86
C VAL B 117 -21.96 7.96 4.71
N SER B 118 -22.83 8.11 3.74
CA SER B 118 -22.83 7.28 2.55
CA SER B 118 -22.86 7.29 2.54
C SER B 118 -22.56 8.20 1.34
N LEU B 119 -21.65 7.77 0.49
CA LEU B 119 -21.21 8.50 -0.69
C LEU B 119 -21.37 7.59 -1.89
N ASP B 120 -21.81 8.11 -3.01
CA ASP B 120 -22.03 7.32 -4.21
C ASP B 120 -21.09 7.72 -5.34
N PHE B 121 -20.12 6.84 -5.64
CA PHE B 121 -19.11 7.11 -6.68
C PHE B 121 -19.50 6.62 -8.07
N LYS B 122 -20.74 6.14 -8.18
CA LYS B 122 -21.39 5.88 -9.45
C LYS B 122 -20.62 4.97 -10.42
N GLU B 123 -20.09 3.90 -9.85
CA GLU B 123 -19.41 2.84 -10.59
C GLU B 123 -18.05 3.26 -11.16
N LYS B 124 -17.42 4.25 -10.53
CA LYS B 124 -16.07 4.65 -10.95
C LYS B 124 -15.07 3.48 -10.81
N GLY B 125 -14.25 3.32 -11.82
CA GLY B 125 -13.18 2.33 -11.82
C GLY B 125 -12.05 2.75 -10.90
N ALA B 126 -11.76 1.91 -9.90
CA ALA B 126 -10.69 2.20 -8.93
C ALA B 126 -10.23 0.93 -8.25
N ARG B 127 -9.01 0.97 -7.71
CA ARG B 127 -8.47 -0.13 -6.88
C ARG B 127 -8.43 0.24 -5.38
N TYR B 128 -8.13 1.50 -5.06
CA TYR B 128 -7.94 1.95 -3.69
C TYR B 128 -8.93 3.04 -3.31
N ILE B 129 -9.38 2.97 -2.06
CA ILE B 129 -10.23 4.01 -1.46
C ILE B 129 -9.56 4.47 -0.19
N LYS B 130 -9.24 5.76 -0.18
CA LYS B 130 -8.54 6.38 0.94
C LYS B 130 -9.46 7.39 1.64
N VAL B 131 -9.45 7.36 2.97
CA VAL B 131 -10.12 8.36 3.81
C VAL B 131 -9.00 9.19 4.43
N LYS B 132 -8.96 10.47 4.15
CA LYS B 132 -7.85 11.34 4.55
C LYS B 132 -8.40 12.56 5.31
N LEU B 133 -8.00 12.74 6.56
CA LEU B 133 -8.34 13.99 7.28
C LEU B 133 -7.57 15.15 6.67
N LEU B 134 -8.24 16.29 6.48
CA LEU B 134 -7.54 17.50 6.03
C LEU B 134 -7.03 18.38 7.17
N THR B 135 -7.40 18.12 8.41
CA THR B 135 -6.79 18.79 9.55
C THR B 135 -5.72 17.90 10.14
N SER B 136 -4.47 18.36 10.13
CA SER B 136 -3.37 17.59 10.66
C SER B 136 -3.42 17.59 12.19
N GLY B 137 -2.79 16.59 12.78
CA GLY B 137 -2.68 16.52 14.21
C GLY B 137 -3.90 15.93 14.90
N VAL B 138 -4.77 15.27 14.12
CA VAL B 138 -6.01 14.66 14.62
C VAL B 138 -5.99 13.16 14.29
N PRO B 139 -6.11 12.28 15.29
CA PRO B 139 -6.19 10.85 14.98
C PRO B 139 -7.41 10.50 14.13
N LEU B 140 -7.24 9.51 13.23
CA LEU B 140 -8.33 8.92 12.48
C LEU B 140 -8.77 7.58 13.07
N SER B 141 -10.04 7.50 13.46
CA SER B 141 -10.69 6.26 13.88
C SER B 141 -11.94 6.04 13.04
N LEU B 142 -12.03 4.86 12.43
CA LEU B 142 -13.15 4.42 11.64
C LEU B 142 -13.69 3.12 12.22
N ALA B 143 -15.01 3.08 12.45
CA ALA B 143 -15.64 1.84 12.88
C ALA B 143 -15.72 0.78 11.78
N GLU B 144 -15.95 1.25 10.56
CA GLU B 144 -16.13 0.38 9.40
C GLU B 144 -16.20 1.22 8.16
N VAL B 145 -15.68 0.67 7.05
CA VAL B 145 -15.87 1.20 5.72
C VAL B 145 -16.40 0.05 4.85
N GLU B 146 -17.58 0.25 4.29
CA GLU B 146 -18.24 -0.71 3.38
C GLU B 146 -18.28 -0.14 1.99
N VAL B 147 -18.02 -0.99 1.01
CA VAL B 147 -17.92 -0.59 -0.37
C VAL B 147 -18.76 -1.58 -1.20
N PHE B 148 -19.61 -1.03 -2.04
CA PHE B 148 -20.52 -1.75 -2.93
C PHE B 148 -20.24 -1.37 -4.39
N ARG B 149 -20.52 -2.24 -5.37
CA ARG B 149 -20.20 -2.01 -6.79
C ARG B 149 -21.13 -1.12 -7.59
N GLU B 150 -22.34 -0.94 -7.05
CA GLU B 150 -23.29 0.06 -7.52
C GLU B 150 -23.99 0.74 -6.32
N SER B 151 -24.89 1.57 -6.59
C1 NAG C . 4.08 -22.94 -16.17
C2 NAG C . 5.32 -23.85 -16.03
C3 NAG C . 6.56 -23.01 -16.35
C4 NAG C . 6.36 -22.36 -17.70
C5 NAG C . 5.08 -21.52 -17.75
C6 NAG C . 4.88 -20.81 -19.09
C7 NAG C . 6.03 -25.62 -14.44
C8 NAG C . 6.90 -25.71 -13.22
N2 NAG C . 5.46 -24.42 -14.69
O1 NAG C . 2.87 -23.62 -15.90
O3 NAG C . 7.78 -23.71 -16.37
O4 NAG C . 7.49 -21.53 -17.89
O5 NAG C . 4.00 -22.40 -17.47
O6 NAG C . 4.58 -21.72 -20.12
O7 NAG C . 5.85 -26.61 -15.15
C1 GAL C . 8.25 -21.83 -19.45
C2 GAL C . 9.33 -20.79 -19.19
C3 GAL C . 10.61 -21.09 -19.98
C4 GAL C . 10.99 -22.58 -19.86
C5 GAL C . 9.76 -23.42 -20.23
C6 GAL C . 9.93 -24.93 -20.28
O2 GAL C . 8.73 -19.53 -19.48
O3 GAL C . 11.66 -20.24 -19.56
O4 GAL C . 11.40 -22.81 -18.53
O5 GAL C . 8.75 -23.12 -19.27
O6 GAL C . 8.75 -25.46 -20.90
C1 FUC C . 8.98 -18.31 -18.78
C2 FUC C . 8.41 -17.08 -19.49
C3 FUC C . 6.93 -16.88 -19.24
C4 FUC C . 6.65 -16.86 -17.74
C5 FUC C . 7.15 -18.21 -17.22
C6 FUC C . 6.95 -18.28 -15.72
O2 FUC C . 8.63 -17.14 -20.86
O3 FUC C . 6.41 -15.70 -19.79
O4 FUC C . 7.38 -15.83 -17.15
O5 FUC C . 8.51 -18.34 -17.48
CA CA D . 12.75 -14.31 -2.66
CA CA E . -15.29 -2.63 12.39
#